data_5HZX
#
_entry.id   5HZX
#
_cell.length_a   76.260
_cell.length_b   71.202
_cell.length_c   60.924
_cell.angle_alpha   90.00
_cell.angle_beta   90.00
_cell.angle_gamma   90.00
#
_symmetry.space_group_name_H-M   'P 21 21 2'
#
loop_
_entity.id
_entity.type
_entity.pdbx_description
1 polymer 'Nudix (Nucleoside diphosphate linked moiety X)-type motif 1'
2 non-polymer N~4~-cyclopropyl-6-(2,3-dichlorophenyl)pyrimidine-2,4-diamine
3 non-polymer 'SULFATE ION'
4 non-polymer GLYCEROL
5 non-polymer DI(HYDROXYETHYL)ETHER
6 non-polymer 'ACETATE ION'
7 water water
#
_entity_poly.entity_id   1
_entity_poly.type   'polypeptide(L)'
_entity_poly.pdbx_seq_one_letter_code
;MGSSHHHHHHSSGLVPRGSHMFTSKLLTLVLVVQPGRVLLGMKKRGFGAGKWNGFGGKVQTGETIEQAARRELLEESGLT
VDTLHKIGNIKFEFIGETELMDVHIFRADNYEGEPAESDEMRPQWFDIDKIPFSQMWADDILWFPLMLQKKRFLGYFKFQ
GHDVIVEHKLDEVEDL
;
_entity_poly.pdbx_strand_id   A,B
#
loop_
_chem_comp.id
_chem_comp.type
_chem_comp.name
_chem_comp.formula
2GE non-polymer N~4~-cyclopropyl-6-(2,3-dichlorophenyl)pyrimidine-2,4-diamine 'C13 H12 Cl2 N4'
ACT non-polymer 'ACETATE ION' 'C2 H3 O2 -1'
GOL non-polymer GLYCEROL 'C3 H8 O3'
PEG non-polymer DI(HYDROXYETHYL)ETHER 'C4 H10 O3'
SO4 non-polymer 'SULFATE ION' 'O4 S -2'
#
# COMPACT_ATOMS: atom_id res chain seq x y z
N THR A 23 17.66 -15.64 16.08
CA THR A 23 16.54 -16.64 16.09
C THR A 23 15.37 -16.15 15.24
N SER A 24 14.69 -17.10 14.58
CA SER A 24 13.45 -16.84 13.88
C SER A 24 12.39 -17.84 14.33
N LYS A 25 11.17 -17.36 14.51
CA LYS A 25 10.02 -18.25 14.74
C LYS A 25 9.36 -18.56 13.40
N LEU A 26 9.15 -19.84 13.11
CA LEU A 26 8.59 -20.28 11.83
C LEU A 26 7.06 -20.28 11.88
N LEU A 27 6.44 -19.52 10.97
CA LEU A 27 5.00 -19.35 10.96
C LEU A 27 4.44 -19.55 9.56
N THR A 28 3.18 -20.00 9.51
N THR A 28 3.17 -19.99 9.51
CA THR A 28 2.50 -20.24 8.23
CA THR A 28 2.45 -20.24 8.26
C THR A 28 1.22 -19.38 8.14
C THR A 28 1.23 -19.33 8.15
N LEU A 29 0.86 -18.98 6.93
CA LEU A 29 -0.34 -18.16 6.66
C LEU A 29 -1.01 -18.60 5.36
N VAL A 30 -2.32 -18.85 5.40
CA VAL A 30 -3.05 -19.33 4.22
C VAL A 30 -4.15 -18.37 3.82
N LEU A 31 -4.16 -17.98 2.54
CA LEU A 31 -5.19 -17.12 1.96
C LEU A 31 -6.01 -17.95 0.98
N VAL A 32 -7.26 -18.21 1.35
CA VAL A 32 -8.19 -18.96 0.48
C VAL A 32 -8.86 -17.93 -0.42
N VAL A 33 -8.75 -18.13 -1.73
CA VAL A 33 -9.20 -17.13 -2.69
C VAL A 33 -10.16 -17.76 -3.66
N GLN A 34 -11.15 -16.97 -4.05
CA GLN A 34 -12.03 -17.33 -5.17
C GLN A 34 -12.08 -16.11 -6.10
N PRO A 35 -12.58 -16.28 -7.32
CA PRO A 35 -12.60 -15.10 -8.18
C PRO A 35 -13.33 -13.91 -7.50
N GLY A 36 -12.65 -12.78 -7.39
CA GLY A 36 -13.19 -11.58 -6.79
C GLY A 36 -13.25 -11.50 -5.27
N ARG A 37 -12.84 -12.56 -4.55
CA ARG A 37 -13.01 -12.56 -3.10
C ARG A 37 -11.95 -13.37 -2.34
N VAL A 38 -11.77 -12.99 -1.08
CA VAL A 38 -10.81 -13.64 -0.20
C VAL A 38 -11.47 -13.94 1.16
N LEU A 39 -11.18 -15.12 1.70
CA LEU A 39 -11.65 -15.52 3.02
C LEU A 39 -10.66 -15.09 4.11
N LEU A 40 -11.15 -14.32 5.06
CA LEU A 40 -10.35 -13.89 6.19
C LEU A 40 -11.02 -14.36 7.46
N GLY A 41 -10.26 -14.36 8.54
CA GLY A 41 -10.76 -14.72 9.85
C GLY A 41 -10.44 -13.65 10.88
N MET A 42 -11.44 -13.32 11.72
CA MET A 42 -11.24 -12.44 12.86
C MET A 42 -10.68 -13.26 14.01
N LYS A 43 -9.47 -12.90 14.44
CA LYS A 43 -8.78 -13.64 15.48
C LYS A 43 -9.37 -13.26 16.84
N LYS A 44 -9.77 -14.26 17.61
CA LYS A 44 -10.58 -14.02 18.80
C LYS A 44 -9.75 -14.03 20.09
N ARG A 45 -8.49 -14.41 20.01
CA ARG A 45 -7.62 -14.48 21.20
C ARG A 45 -6.16 -14.52 20.77
N GLY A 46 -5.27 -14.30 21.73
CA GLY A 46 -3.84 -14.47 21.49
C GLY A 46 -3.22 -13.31 20.72
N PHE A 47 -2.11 -13.61 20.05
CA PHE A 47 -1.30 -12.60 19.37
C PHE A 47 -1.99 -12.14 18.09
N GLY A 48 -2.31 -10.86 18.02
CA GLY A 48 -3.05 -10.29 16.90
C GLY A 48 -4.57 -10.38 17.05
N ALA A 49 -5.02 -10.67 18.27
CA ALA A 49 -6.44 -10.70 18.55
C ALA A 49 -7.05 -9.37 18.14
N GLY A 50 -8.20 -9.42 17.44
CA GLY A 50 -8.87 -8.23 16.98
C GLY A 50 -8.57 -7.82 15.54
N LYS A 51 -7.61 -8.47 14.90
CA LYS A 51 -7.30 -8.23 13.51
C LYS A 51 -7.84 -9.36 12.63
N TRP A 52 -8.29 -9.01 11.43
CA TRP A 52 -8.55 -9.97 10.38
C TRP A 52 -7.24 -10.44 9.80
N ASN A 53 -7.19 -11.71 9.37
CA ASN A 53 -6.00 -12.27 8.74
C ASN A 53 -6.38 -13.57 8.01
N GLY A 54 -5.44 -14.12 7.26
CA GLY A 54 -5.55 -15.52 6.87
C GLY A 54 -5.43 -16.48 8.05
N PHE A 55 -5.37 -17.77 7.72
CA PHE A 55 -5.34 -18.85 8.70
C PHE A 55 -3.92 -19.46 8.81
N GLY A 56 -3.55 -19.85 10.02
CA GLY A 56 -2.19 -20.34 10.23
C GLY A 56 -1.74 -20.40 11.67
N GLY A 57 -0.45 -20.18 11.89
CA GLY A 57 0.17 -20.34 13.19
C GLY A 57 1.57 -20.90 13.08
N LYS A 58 2.03 -21.55 14.15
CA LYS A 58 3.41 -22.04 14.25
C LYS A 58 3.60 -23.34 13.46
N VAL A 59 4.81 -23.54 12.97
CA VAL A 59 5.26 -24.82 12.39
C VAL A 59 6.00 -25.58 13.51
N GLN A 60 5.60 -26.81 13.80
CA GLN A 60 6.29 -27.62 14.83
C GLN A 60 7.56 -28.29 14.30
N THR A 61 8.52 -28.54 15.20
N THR A 61 8.48 -28.57 15.22
CA THR A 61 9.74 -29.24 14.84
CA THR A 61 9.65 -29.37 14.90
C THR A 61 9.42 -30.68 14.36
C THR A 61 9.25 -30.68 14.24
N GLY A 62 9.94 -31.05 13.19
CA GLY A 62 9.71 -32.35 12.57
C GLY A 62 8.66 -32.41 11.46
N GLU A 63 7.91 -31.32 11.28
CA GLU A 63 6.95 -31.23 10.17
C GLU A 63 7.34 -30.14 9.19
N THR A 64 6.80 -30.23 7.97
CA THR A 64 7.05 -29.19 6.97
C THR A 64 6.13 -27.99 7.17
N ILE A 65 6.55 -26.88 6.59
CA ILE A 65 5.75 -25.66 6.64
C ILE A 65 4.37 -25.93 6.04
N GLU A 66 4.33 -26.66 4.92
CA GLU A 66 3.06 -26.96 4.27
C GLU A 66 2.14 -27.85 5.14
N GLN A 67 2.72 -28.80 5.86
CA GLN A 67 1.91 -29.70 6.71
C GLN A 67 1.19 -28.92 7.83
N ALA A 68 1.91 -27.98 8.43
CA ALA A 68 1.37 -27.09 9.45
C ALA A 68 0.21 -26.24 8.88
N ALA A 69 0.45 -25.64 7.73
CA ALA A 69 -0.55 -24.79 7.06
C ALA A 69 -1.86 -25.53 6.85
N ARG A 70 -1.81 -26.74 6.32
CA ARG A 70 -3.04 -27.51 6.03
C ARG A 70 -3.82 -27.84 7.30
N ARG A 71 -3.09 -28.23 8.35
CA ARG A 71 -3.70 -28.54 9.63
C ARG A 71 -4.37 -27.33 10.24
N GLU A 72 -3.64 -26.22 10.26
CA GLU A 72 -4.12 -25.02 10.94
C GLU A 72 -5.33 -24.42 10.20
N LEU A 73 -5.33 -24.48 8.87
CA LEU A 73 -6.50 -24.03 8.11
C LEU A 73 -7.74 -24.82 8.51
N LEU A 74 -7.62 -26.13 8.56
CA LEU A 74 -8.76 -27.00 8.87
C LEU A 74 -9.29 -26.72 10.26
N GLU A 75 -8.40 -26.66 11.25
CA GLU A 75 -8.78 -26.41 12.63
C GLU A 75 -9.45 -25.07 12.84
N GLU A 76 -8.94 -24.02 12.18
CA GLU A 76 -9.44 -22.66 12.40
C GLU A 76 -10.66 -22.28 11.58
N SER A 77 -10.76 -22.82 10.36
CA SER A 77 -11.84 -22.43 9.42
C SER A 77 -12.81 -23.53 9.00
N GLY A 78 -12.43 -24.79 9.21
CA GLY A 78 -13.26 -25.93 8.75
C GLY A 78 -12.97 -26.44 7.35
N LEU A 79 -12.03 -25.80 6.64
CA LEU A 79 -11.76 -26.13 5.24
C LEU A 79 -10.60 -27.11 5.05
N THR A 80 -10.80 -28.06 4.13
CA THR A 80 -9.76 -29.00 3.71
C THR A 80 -9.33 -28.53 2.32
N VAL A 81 -8.03 -28.33 2.14
N VAL A 81 -8.03 -28.33 2.14
CA VAL A 81 -7.47 -27.90 0.85
CA VAL A 81 -7.48 -27.91 0.84
C VAL A 81 -6.64 -29.01 0.19
C VAL A 81 -6.63 -29.01 0.19
N ASP A 82 -6.74 -29.11 -1.13
CA ASP A 82 -5.91 -30.03 -1.92
C ASP A 82 -4.50 -29.46 -2.09
N THR A 83 -4.30 -28.58 -3.07
CA THR A 83 -2.97 -28.05 -3.35
C THR A 83 -2.84 -26.68 -2.71
N LEU A 84 -1.75 -26.47 -1.98
CA LEU A 84 -1.36 -25.16 -1.49
C LEU A 84 -0.25 -24.58 -2.38
N HIS A 85 -0.43 -23.36 -2.85
CA HIS A 85 0.55 -22.69 -3.70
C HIS A 85 1.37 -21.74 -2.87
N LYS A 86 2.67 -21.96 -2.81
CA LYS A 86 3.56 -21.08 -2.07
C LYS A 86 3.63 -19.76 -2.82
N ILE A 87 3.28 -18.66 -2.15
CA ILE A 87 3.21 -17.38 -2.84
C ILE A 87 4.08 -16.28 -2.21
N GLY A 88 4.53 -16.44 -0.96
CA GLY A 88 5.39 -15.43 -0.38
C GLY A 88 6.12 -15.84 0.89
N ASN A 89 7.19 -15.11 1.19
CA ASN A 89 7.97 -15.29 2.41
C ASN A 89 8.45 -13.91 2.88
N ILE A 90 8.07 -13.55 4.10
CA ILE A 90 8.44 -12.27 4.69
C ILE A 90 8.99 -12.49 6.10
N LYS A 91 10.16 -11.91 6.36
CA LYS A 91 10.70 -11.83 7.71
C LYS A 91 10.30 -10.51 8.34
N PHE A 92 9.85 -10.58 9.59
CA PHE A 92 9.45 -9.41 10.35
C PHE A 92 10.35 -9.25 11.56
N GLU A 93 10.89 -8.05 11.72
CA GLU A 93 11.71 -7.65 12.86
C GLU A 93 11.01 -6.54 13.62
N PHE A 94 11.05 -6.61 14.95
CA PHE A 94 10.52 -5.57 15.82
C PHE A 94 11.65 -4.85 16.54
N ILE A 95 11.71 -3.53 16.37
CA ILE A 95 12.73 -2.72 17.02
C ILE A 95 12.75 -2.94 18.53
N GLY A 96 13.93 -3.17 19.08
CA GLY A 96 14.08 -3.44 20.50
C GLY A 96 13.85 -4.89 20.93
N GLU A 97 13.50 -5.76 19.99
N GLU A 97 13.51 -5.76 19.99
CA GLU A 97 13.23 -7.17 20.30
CA GLU A 97 13.26 -7.17 20.31
C GLU A 97 14.17 -8.08 19.50
C GLU A 97 14.16 -8.09 19.50
N THR A 98 14.59 -9.17 20.12
CA THR A 98 15.55 -10.08 19.53
C THR A 98 15.00 -11.01 18.46
N GLU A 99 13.86 -11.62 18.72
CA GLU A 99 13.37 -12.71 17.87
C GLU A 99 12.62 -12.22 16.60
N LEU A 100 12.92 -12.82 15.44
CA LEU A 100 12.21 -12.51 14.19
C LEU A 100 11.06 -13.47 13.96
N MET A 101 10.10 -13.03 13.17
CA MET A 101 9.02 -13.91 12.68
C MET A 101 9.29 -14.22 11.22
N ASP A 102 9.42 -15.50 10.88
CA ASP A 102 9.62 -15.93 9.49
C ASP A 102 8.31 -16.52 8.98
N VAL A 103 7.57 -15.73 8.20
CA VAL A 103 6.21 -16.07 7.78
C VAL A 103 6.19 -16.59 6.34
N HIS A 104 5.58 -17.77 6.16
CA HIS A 104 5.51 -18.43 4.86
C HIS A 104 4.04 -18.42 4.43
N ILE A 105 3.79 -17.86 3.25
CA ILE A 105 2.44 -17.49 2.83
C ILE A 105 2.01 -18.34 1.64
N PHE A 106 0.80 -18.90 1.74
CA PHE A 106 0.24 -19.79 0.73
C PHE A 106 -1.08 -19.26 0.23
N ARG A 107 -1.40 -19.60 -1.01
CA ARG A 107 -2.67 -19.32 -1.63
C ARG A 107 -3.36 -20.64 -1.87
N ALA A 108 -4.63 -20.72 -1.52
CA ALA A 108 -5.47 -21.87 -1.89
C ALA A 108 -6.56 -21.37 -2.82
N ASP A 109 -6.66 -22.01 -3.99
CA ASP A 109 -7.61 -21.62 -5.03
C ASP A 109 -8.81 -22.53 -5.07
N ASN A 110 -8.75 -23.65 -4.36
CA ASN A 110 -9.87 -24.60 -4.26
C ASN A 110 -9.87 -25.26 -2.89
N TYR A 111 -11.04 -25.70 -2.46
CA TYR A 111 -11.18 -26.31 -1.14
C TYR A 111 -12.44 -27.16 -1.04
N GLU A 112 -12.49 -28.04 -0.04
CA GLU A 112 -13.70 -28.76 0.34
C GLU A 112 -14.17 -28.29 1.71
N GLY A 113 -15.47 -28.39 1.95
CA GLY A 113 -16.08 -27.94 3.19
C GLY A 113 -16.65 -26.54 3.08
N GLU A 114 -17.25 -26.07 4.17
CA GLU A 114 -17.79 -24.73 4.25
C GLU A 114 -17.16 -24.02 5.43
N PRO A 115 -16.81 -22.73 5.26
CA PRO A 115 -16.19 -21.98 6.37
C PRO A 115 -17.11 -21.92 7.59
N ALA A 116 -16.53 -22.02 8.79
CA ALA A 116 -17.30 -21.93 10.04
C ALA A 116 -16.44 -21.40 11.17
N GLU A 117 -17.10 -20.70 12.08
CA GLU A 117 -16.44 -20.13 13.24
C GLU A 117 -15.89 -21.22 14.16
N SER A 118 -14.66 -21.02 14.63
CA SER A 118 -13.99 -21.87 15.62
C SER A 118 -13.69 -21.01 16.84
N ASP A 119 -13.14 -21.60 17.92
CA ASP A 119 -12.71 -20.82 19.10
C ASP A 119 -11.63 -19.81 18.75
N GLU A 120 -10.81 -20.08 17.72
CA GLU A 120 -9.71 -19.18 17.37
C GLU A 120 -10.09 -18.08 16.37
N MET A 121 -10.94 -18.38 15.40
CA MET A 121 -11.17 -17.49 14.25
C MET A 121 -12.64 -17.46 13.84
N ARG A 122 -13.14 -16.27 13.49
CA ARG A 122 -14.46 -16.14 12.85
C ARG A 122 -14.29 -15.80 11.36
N PRO A 123 -14.48 -16.80 10.46
CA PRO A 123 -14.32 -16.52 9.03
C PRO A 123 -15.38 -15.61 8.42
N GLN A 124 -14.98 -14.85 7.40
CA GLN A 124 -15.89 -14.01 6.60
C GLN A 124 -15.25 -13.76 5.24
N TRP A 125 -16.04 -13.85 4.17
CA TRP A 125 -15.60 -13.50 2.83
C TRP A 125 -15.61 -11.98 2.64
N PHE A 126 -14.61 -11.48 1.92
CA PHE A 126 -14.56 -10.09 1.51
C PHE A 126 -14.29 -10.01 0.03
N ASP A 127 -15.04 -9.17 -0.66
CA ASP A 127 -14.72 -8.82 -2.02
C ASP A 127 -13.37 -8.12 -2.03
N ILE A 128 -12.65 -8.30 -3.13
CA ILE A 128 -11.30 -7.76 -3.26
C ILE A 128 -11.25 -6.23 -3.11
N ASP A 129 -12.29 -5.53 -3.57
CA ASP A 129 -12.34 -4.07 -3.35
C ASP A 129 -12.87 -3.65 -1.97
N LYS A 130 -13.17 -4.62 -1.10
CA LYS A 130 -13.66 -4.34 0.26
C LYS A 130 -12.79 -4.93 1.39
N ILE A 131 -11.55 -5.31 1.10
CA ILE A 131 -10.67 -5.92 2.12
C ILE A 131 -10.43 -4.91 3.26
N PRO A 132 -10.62 -5.33 4.52
CA PRO A 132 -10.59 -4.38 5.63
C PRO A 132 -9.18 -4.12 6.17
N PHE A 133 -8.31 -3.58 5.32
CA PHE A 133 -6.88 -3.40 5.61
C PHE A 133 -6.61 -2.60 6.89
N SER A 134 -7.51 -1.68 7.23
CA SER A 134 -7.32 -0.85 8.44
C SER A 134 -7.47 -1.65 9.72
N GLN A 135 -8.08 -2.84 9.65
CA GLN A 135 -8.16 -3.74 10.80
C GLN A 135 -7.45 -5.08 10.54
N MET A 136 -6.33 -5.01 9.83
CA MET A 136 -5.45 -6.13 9.51
C MET A 136 -4.06 -5.74 9.94
N TRP A 137 -3.11 -6.68 9.92
CA TRP A 137 -1.71 -6.30 10.16
C TRP A 137 -1.29 -5.24 9.14
N ALA A 138 -0.48 -4.29 9.58
CA ALA A 138 -0.16 -3.10 8.75
C ALA A 138 0.47 -3.45 7.42
N ASP A 139 1.20 -4.57 7.38
CA ASP A 139 1.89 -5.00 6.17
C ASP A 139 1.00 -5.51 5.04
N ASP A 140 -0.21 -5.98 5.36
CA ASP A 140 -1.04 -6.71 4.37
C ASP A 140 -1.34 -5.86 3.15
N ILE A 141 -1.65 -4.59 3.37
CA ILE A 141 -1.99 -3.67 2.28
C ILE A 141 -0.88 -3.56 1.24
N LEU A 142 0.37 -3.73 1.66
CA LEU A 142 1.52 -3.64 0.76
C LEU A 142 1.80 -4.91 -0.06
N TRP A 143 1.64 -6.10 0.54
CA TRP A 143 1.90 -7.34 -0.21
C TRP A 143 0.69 -8.03 -0.81
N PHE A 144 -0.52 -7.66 -0.38
CA PHE A 144 -1.73 -8.26 -0.93
C PHE A 144 -1.82 -8.21 -2.46
N PRO A 145 -1.46 -7.08 -3.09
CA PRO A 145 -1.55 -7.03 -4.57
C PRO A 145 -0.70 -8.07 -5.27
N LEU A 146 0.49 -8.37 -4.76
CA LEU A 146 1.31 -9.41 -5.35
C LEU A 146 0.66 -10.79 -5.21
N MET A 147 0.15 -11.08 -4.00
CA MET A 147 -0.55 -12.33 -3.74
C MET A 147 -1.74 -12.50 -4.69
N LEU A 148 -2.53 -11.45 -4.84
CA LEU A 148 -3.73 -11.51 -5.67
C LEU A 148 -3.43 -11.71 -7.14
N GLN A 149 -2.28 -11.19 -7.60
CA GLN A 149 -1.84 -11.35 -9.00
C GLN A 149 -0.99 -12.60 -9.23
N LYS A 150 -0.88 -13.47 -8.20
CA LYS A 150 -0.07 -14.69 -8.28
C LYS A 150 1.40 -14.41 -8.66
N LYS A 151 1.96 -13.32 -8.14
CA LYS A 151 3.37 -13.01 -8.32
C LYS A 151 4.16 -13.35 -7.04
N ARG A 152 4.91 -14.45 -7.10
CA ARG A 152 5.59 -14.95 -5.91
C ARG A 152 6.63 -13.96 -5.44
N PHE A 153 6.67 -13.71 -4.12
CA PHE A 153 7.47 -12.63 -3.55
C PHE A 153 8.28 -13.00 -2.30
N LEU A 154 9.17 -12.06 -1.96
CA LEU A 154 10.07 -12.15 -0.82
C LEU A 154 10.20 -10.76 -0.23
N GLY A 155 10.01 -10.63 1.09
CA GLY A 155 10.16 -9.35 1.77
C GLY A 155 10.80 -9.37 3.14
N TYR A 156 11.09 -8.16 3.62
CA TYR A 156 11.63 -7.93 4.94
C TYR A 156 11.01 -6.64 5.46
N PHE A 157 10.40 -6.70 6.66
CA PHE A 157 9.70 -5.57 7.28
C PHE A 157 10.24 -5.33 8.68
N LYS A 158 10.48 -4.06 9.04
CA LYS A 158 10.87 -3.67 10.39
C LYS A 158 9.74 -2.86 11.00
N PHE A 159 9.28 -3.29 12.17
CA PHE A 159 8.16 -2.66 12.88
C PHE A 159 8.63 -1.91 14.12
N GLN A 160 7.91 -0.84 14.44
CA GLN A 160 8.06 -0.10 15.68
C GLN A 160 6.77 -0.39 16.44
N GLY A 161 6.83 -1.27 17.44
CA GLY A 161 5.63 -1.79 18.06
C GLY A 161 4.82 -2.61 17.05
N HIS A 162 3.53 -2.79 17.29
CA HIS A 162 2.68 -3.62 16.43
C HIS A 162 2.03 -2.90 15.27
N ASP A 163 1.99 -1.57 15.32
CA ASP A 163 1.18 -0.83 14.39
C ASP A 163 1.91 0.11 13.45
N VAL A 164 3.23 0.24 13.58
CA VAL A 164 4.01 1.18 12.76
C VAL A 164 5.10 0.45 11.99
N ILE A 165 5.08 0.62 10.67
CA ILE A 165 6.13 0.08 9.82
C ILE A 165 7.23 1.12 9.66
N VAL A 166 8.44 0.77 10.09
CA VAL A 166 9.61 1.65 9.93
C VAL A 166 10.33 1.41 8.60
N GLU A 167 10.34 0.17 8.13
CA GLU A 167 10.94 -0.16 6.83
C GLU A 167 10.20 -1.34 6.21
N HIS A 168 9.93 -1.25 4.91
CA HIS A 168 9.31 -2.35 4.18
C HIS A 168 10.03 -2.55 2.84
N LYS A 169 10.38 -3.80 2.57
CA LYS A 169 11.06 -4.20 1.35
C LYS A 169 10.36 -5.42 0.76
N LEU A 170 10.04 -5.35 -0.54
CA LEU A 170 9.33 -6.42 -1.26
C LEU A 170 9.86 -6.53 -2.67
N ASP A 171 10.10 -7.78 -3.11
CA ASP A 171 10.51 -8.08 -4.47
C ASP A 171 9.77 -9.32 -4.95
N GLU A 172 9.41 -9.32 -6.24
CA GLU A 172 9.02 -10.53 -6.91
C GLU A 172 10.27 -11.38 -7.06
N VAL A 173 10.18 -12.67 -6.75
CA VAL A 173 11.36 -13.54 -6.80
C VAL A 173 11.94 -13.66 -8.22
N GLU A 174 11.09 -13.46 -9.22
CA GLU A 174 11.51 -13.39 -10.62
C GLU A 174 12.60 -12.32 -10.87
N ASP A 175 12.67 -11.30 -10.02
CA ASP A 175 13.65 -10.20 -10.15
C ASP A 175 14.95 -10.40 -9.36
N LEU A 176 15.11 -11.57 -8.71
CA LEU A 176 16.25 -11.84 -7.82
C LEU A 176 17.20 -12.92 -8.35
N THR B 23 -1.05 25.96 11.88
CA THR B 23 -1.18 26.48 10.47
C THR B 23 -1.29 25.34 9.44
N SER B 24 -1.69 25.72 8.21
CA SER B 24 -1.67 24.83 7.04
C SER B 24 -0.97 25.52 5.90
N LYS B 25 -0.09 24.81 5.19
CA LYS B 25 0.48 25.27 3.93
C LYS B 25 -0.31 24.65 2.78
N LEU B 26 -0.80 25.48 1.89
CA LEU B 26 -1.59 25.02 0.76
C LEU B 26 -0.70 24.62 -0.41
N LEU B 27 -0.87 23.38 -0.88
CA LEU B 27 -0.02 22.82 -1.94
C LEU B 27 -0.86 22.12 -3.00
N THR B 28 -0.32 22.07 -4.23
N THR B 28 -0.36 22.06 -4.24
CA THR B 28 -0.96 21.44 -5.38
CA THR B 28 -1.04 21.33 -5.28
C THR B 28 -0.11 20.27 -5.90
C THR B 28 -0.13 20.24 -5.84
N LEU B 29 -0.76 19.25 -6.47
CA LEU B 29 -0.05 18.12 -7.10
C LEU B 29 -0.84 17.65 -8.33
N VAL B 30 -0.15 17.49 -9.46
CA VAL B 30 -0.83 17.12 -10.71
C VAL B 30 -0.26 15.82 -11.25
N LEU B 31 -1.14 14.85 -11.52
CA LEU B 31 -0.78 13.58 -12.14
C LEU B 31 -1.32 13.52 -13.55
N VAL B 32 -0.41 13.54 -14.53
CA VAL B 32 -0.79 13.43 -15.94
C VAL B 32 -0.84 11.94 -16.28
N VAL B 33 -2.00 11.47 -16.76
CA VAL B 33 -2.24 10.05 -16.99
C VAL B 33 -2.62 9.79 -18.45
N GLN B 34 -2.10 8.68 -19.00
CA GLN B 34 -2.53 8.17 -20.33
C GLN B 34 -2.82 6.69 -20.18
N PRO B 35 -3.47 6.07 -21.19
CA PRO B 35 -3.77 4.65 -20.98
C PRO B 35 -2.51 3.83 -20.67
N GLY B 36 -2.53 3.14 -19.54
CA GLY B 36 -1.41 2.31 -19.11
C GLY B 36 -0.17 3.00 -18.57
N ARG B 37 -0.16 4.32 -18.46
CA ARG B 37 1.04 5.02 -18.00
C ARG B 37 0.77 6.35 -17.27
N VAL B 38 1.74 6.74 -16.43
CA VAL B 38 1.68 8.00 -15.68
C VAL B 38 3.02 8.74 -15.85
N LEU B 39 2.93 10.07 -15.99
CA LEU B 39 4.11 10.93 -16.04
C LEU B 39 4.53 11.38 -14.65
N LEU B 40 5.77 11.09 -14.29
CA LEU B 40 6.33 11.53 -13.02
C LEU B 40 7.56 12.37 -13.30
N GLY B 41 7.98 13.11 -12.30
CA GLY B 41 9.19 13.93 -12.40
C GLY B 41 10.12 13.66 -11.24
N MET B 42 11.41 13.53 -11.55
CA MET B 42 12.44 13.42 -10.52
C MET B 42 12.80 14.81 -10.03
N LYS B 43 12.59 15.06 -8.74
CA LYS B 43 12.79 16.40 -8.19
C LYS B 43 14.29 16.59 -7.96
N LYS B 44 14.82 17.68 -8.48
CA LYS B 44 16.28 17.86 -8.54
C LYS B 44 16.83 18.71 -7.41
N ARG B 45 15.97 19.35 -6.63
CA ARG B 45 16.41 20.23 -5.57
C ARG B 45 15.26 20.47 -4.59
N GLY B 46 15.58 21.02 -3.42
CA GLY B 46 14.55 21.45 -2.47
C GLY B 46 13.93 20.30 -1.70
N PHE B 47 12.72 20.54 -1.24
CA PHE B 47 12.01 19.61 -0.35
C PHE B 47 11.51 18.39 -1.13
N GLY B 48 11.99 17.20 -0.76
CA GLY B 48 11.72 15.98 -1.50
C GLY B 48 12.64 15.70 -2.68
N ALA B 49 13.77 16.41 -2.72
CA ALA B 49 14.75 16.18 -3.77
C ALA B 49 15.15 14.71 -3.74
N GLY B 50 15.21 14.09 -4.92
CA GLY B 50 15.58 12.68 -5.03
C GLY B 50 14.40 11.72 -5.09
N LYS B 51 13.19 12.21 -4.91
CA LYS B 51 11.97 11.41 -5.09
C LYS B 51 11.26 11.74 -6.40
N TRP B 52 10.67 10.73 -7.02
CA TRP B 52 9.73 10.91 -8.10
C TRP B 52 8.40 11.39 -7.54
N ASN B 53 7.70 12.25 -8.28
CA ASN B 53 6.37 12.72 -7.87
C ASN B 53 5.64 13.33 -9.08
N GLY B 54 4.39 13.71 -8.88
CA GLY B 54 3.74 14.60 -9.81
C GLY B 54 4.30 16.01 -9.75
N PHE B 55 3.64 16.92 -10.46
CA PHE B 55 4.09 18.30 -10.60
C PHE B 55 3.23 19.25 -9.75
N GLY B 56 3.85 20.28 -9.20
CA GLY B 56 3.14 21.15 -8.31
C GLY B 56 4.01 22.01 -7.43
N GLY B 57 3.50 22.33 -6.25
CA GLY B 57 4.14 23.26 -5.35
C GLY B 57 3.13 24.08 -4.57
N LYS B 58 3.56 25.25 -4.11
CA LYS B 58 2.78 26.11 -3.24
C LYS B 58 1.69 26.90 -3.99
N VAL B 59 0.56 27.15 -3.32
CA VAL B 59 -0.47 28.06 -3.79
C VAL B 59 -0.19 29.41 -3.13
N GLN B 60 -0.04 30.48 -3.92
CA GLN B 60 0.20 31.82 -3.34
C GLN B 60 -1.10 32.42 -2.78
N THR B 61 -0.99 33.23 -1.74
CA THR B 61 -2.15 33.90 -1.14
C THR B 61 -2.74 34.86 -2.18
N GLY B 62 -4.04 34.74 -2.42
CA GLY B 62 -4.75 35.54 -3.45
C GLY B 62 -5.04 34.85 -4.77
N GLU B 63 -4.47 33.67 -5.02
CA GLU B 63 -4.83 32.87 -6.24
C GLU B 63 -5.55 31.57 -5.84
N THR B 64 -6.23 30.94 -6.79
CA THR B 64 -6.87 29.66 -6.53
C THR B 64 -5.90 28.49 -6.64
N ILE B 65 -6.28 27.39 -6.00
CA ILE B 65 -5.51 26.15 -6.05
C ILE B 65 -5.29 25.73 -7.50
N GLU B 66 -6.35 25.80 -8.30
CA GLU B 66 -6.26 25.35 -9.69
C GLU B 66 -5.32 26.24 -10.52
N GLN B 67 -5.30 27.55 -10.24
CA GLN B 67 -4.42 28.48 -10.96
C GLN B 67 -2.94 28.16 -10.73
N ALA B 68 -2.60 27.88 -9.48
CA ALA B 68 -1.25 27.44 -9.09
C ALA B 68 -0.87 26.12 -9.79
N ALA B 69 -1.76 25.13 -9.76
CA ALA B 69 -1.49 23.80 -10.37
C ALA B 69 -1.15 23.93 -11.85
N ARG B 70 -1.94 24.70 -12.59
CA ARG B 70 -1.70 24.83 -14.04
C ARG B 70 -0.36 25.50 -14.31
N ARG B 71 -0.04 26.54 -13.54
CA ARG B 71 1.21 27.24 -13.70
C ARG B 71 2.39 26.33 -13.42
N GLU B 72 2.32 25.63 -12.29
CA GLU B 72 3.46 24.82 -11.84
C GLU B 72 3.70 23.61 -12.75
N LEU B 73 2.65 23.01 -13.28
CA LEU B 73 2.80 21.93 -14.27
C LEU B 73 3.56 22.43 -15.50
N LEU B 74 3.16 23.58 -16.03
CA LEU B 74 3.79 24.13 -17.22
C LEU B 74 5.26 24.44 -16.99
N GLU B 75 5.55 25.13 -15.89
CA GLU B 75 6.92 25.51 -15.56
C GLU B 75 7.83 24.29 -15.39
N GLU B 76 7.35 23.26 -14.70
CA GLU B 76 8.19 22.12 -14.32
C GLU B 76 8.32 21.05 -15.43
N SER B 77 7.27 20.87 -16.22
CA SER B 77 7.23 19.76 -17.20
C SER B 77 7.11 20.19 -18.66
N GLY B 78 6.71 21.45 -18.92
CA GLY B 78 6.46 21.91 -20.29
C GLY B 78 5.03 21.73 -20.82
N LEU B 79 4.14 21.12 -20.03
CA LEU B 79 2.80 20.76 -20.49
C LEU B 79 1.73 21.79 -20.14
N THR B 80 0.86 22.06 -21.10
CA THR B 80 -0.30 22.93 -20.91
C THR B 80 -1.50 22.00 -20.88
N VAL B 81 -2.30 22.10 -19.82
N VAL B 81 -2.30 22.08 -19.81
CA VAL B 81 -3.50 21.27 -19.67
CA VAL B 81 -3.50 21.26 -19.68
C VAL B 81 -4.78 22.09 -19.80
C VAL B 81 -4.76 22.10 -19.84
N ASP B 82 -5.79 21.49 -20.42
CA ASP B 82 -7.12 22.11 -20.52
C ASP B 82 -7.87 21.98 -19.18
N THR B 83 -8.48 20.83 -18.94
CA THR B 83 -9.29 20.61 -17.77
C THR B 83 -8.46 19.83 -16.76
N LEU B 84 -8.41 20.35 -15.54
CA LEU B 84 -7.87 19.61 -14.41
C LEU B 84 -9.03 19.00 -13.63
N HIS B 85 -8.95 17.70 -13.35
CA HIS B 85 -9.97 17.01 -12.55
C HIS B 85 -9.50 16.89 -11.12
N LYS B 86 -10.24 17.48 -10.20
CA LYS B 86 -9.91 17.38 -8.78
C LYS B 86 -10.15 15.94 -8.33
N ILE B 87 -9.12 15.28 -7.83
CA ILE B 87 -9.25 13.86 -7.49
C ILE B 87 -8.95 13.53 -6.02
N GLY B 88 -8.26 14.41 -5.28
CA GLY B 88 -7.97 14.09 -3.89
C GLY B 88 -7.51 15.27 -3.05
N ASN B 89 -7.66 15.12 -1.74
CA ASN B 89 -7.19 16.08 -0.77
C ASN B 89 -6.67 15.33 0.44
N ILE B 90 -5.40 15.52 0.76
CA ILE B 90 -4.78 14.87 1.91
C ILE B 90 -4.05 15.90 2.76
N LYS B 91 -4.33 15.89 4.06
CA LYS B 91 -3.56 16.67 5.03
C LYS B 91 -2.46 15.78 5.59
N PHE B 92 -1.25 16.33 5.64
CA PHE B 92 -0.09 15.63 6.19
C PHE B 92 0.40 16.39 7.42
N GLU B 93 0.57 15.63 8.49
CA GLU B 93 1.13 16.13 9.72
C GLU B 93 2.43 15.42 9.97
N PHE B 94 3.46 16.18 10.33
CA PHE B 94 4.73 15.65 10.81
C PHE B 94 4.69 15.72 12.30
N ILE B 95 4.79 14.56 12.95
CA ILE B 95 4.59 14.49 14.38
C ILE B 95 5.56 15.44 15.10
N GLY B 96 5.05 16.22 16.04
CA GLY B 96 5.84 17.21 16.76
C GLY B 96 5.94 18.57 16.11
N GLU B 97 5.39 18.72 14.90
CA GLU B 97 5.43 19.98 14.16
C GLU B 97 4.02 20.48 13.92
N THR B 98 3.84 21.80 14.05
CA THR B 98 2.52 22.42 14.05
C THR B 98 2.02 22.75 12.67
N GLU B 99 2.90 23.02 11.71
CA GLU B 99 2.43 23.36 10.37
C GLU B 99 2.10 22.09 9.55
N LEU B 100 0.86 22.03 9.07
CA LEU B 100 0.39 20.93 8.23
C LEU B 100 0.57 21.27 6.76
N MET B 101 0.66 20.24 5.94
CA MET B 101 0.66 20.39 4.49
C MET B 101 -0.73 19.98 4.00
N ASP B 102 -1.43 20.89 3.33
CA ASP B 102 -2.76 20.61 2.80
C ASP B 102 -2.63 20.47 1.29
N VAL B 103 -2.61 19.22 0.81
CA VAL B 103 -2.25 18.89 -0.57
C VAL B 103 -3.51 18.61 -1.38
N HIS B 104 -3.66 19.33 -2.50
CA HIS B 104 -4.82 19.20 -3.36
C HIS B 104 -4.34 18.55 -4.67
N ILE B 105 -4.95 17.41 -4.99
CA ILE B 105 -4.42 16.51 -6.03
C ILE B 105 -5.35 16.53 -7.24
N PHE B 106 -4.76 16.69 -8.42
CA PHE B 106 -5.51 16.76 -9.67
C PHE B 106 -5.01 15.68 -10.63
N ARG B 107 -5.91 15.26 -11.50
CA ARG B 107 -5.60 14.37 -12.60
C ARG B 107 -5.76 15.15 -13.88
N ALA B 108 -4.81 15.02 -14.80
CA ALA B 108 -4.97 15.52 -16.16
C ALA B 108 -4.93 14.33 -17.11
N ASP B 109 -5.97 14.23 -17.94
CA ASP B 109 -6.12 13.13 -18.88
C ASP B 109 -5.75 13.54 -20.30
N ASN B 110 -5.60 14.83 -20.53
CA ASN B 110 -5.24 15.35 -21.85
C ASN B 110 -4.36 16.57 -21.67
N TYR B 111 -3.48 16.83 -22.63
CA TYR B 111 -2.56 17.95 -22.53
C TYR B 111 -1.98 18.33 -23.89
N GLU B 112 -1.46 19.55 -23.98
CA GLU B 112 -0.71 20.01 -25.14
C GLU B 112 0.77 20.17 -24.76
N GLY B 113 1.64 20.00 -25.75
CA GLY B 113 3.08 20.07 -25.54
C GLY B 113 3.70 18.71 -25.34
N GLU B 114 5.02 18.70 -25.16
CA GLU B 114 5.77 17.48 -24.91
C GLU B 114 6.49 17.64 -23.58
N PRO B 115 6.55 16.57 -22.77
CA PRO B 115 7.31 16.66 -21.51
C PRO B 115 8.79 16.93 -21.76
N ALA B 116 9.40 17.75 -20.91
CA ALA B 116 10.82 18.10 -21.02
C ALA B 116 11.40 18.47 -19.66
N GLU B 117 12.68 18.18 -19.48
CA GLU B 117 13.41 18.48 -18.25
C GLU B 117 13.51 19.98 -18.02
N SER B 118 13.26 20.40 -16.78
CA SER B 118 13.44 21.77 -16.30
C SER B 118 14.48 21.75 -15.18
N ASP B 119 14.85 22.92 -14.66
CA ASP B 119 15.75 22.98 -13.49
C ASP B 119 15.18 22.28 -12.26
N GLU B 120 13.83 22.25 -12.14
CA GLU B 120 13.20 21.65 -10.94
C GLU B 120 12.94 20.13 -11.06
N MET B 121 12.56 19.66 -12.25
CA MET B 121 12.03 18.29 -12.43
C MET B 121 12.51 17.65 -13.73
N ARG B 122 12.87 16.37 -13.68
N ARG B 122 12.85 16.37 -13.68
CA ARG B 122 13.16 15.58 -14.87
CA ARG B 122 13.16 15.60 -14.88
C ARG B 122 12.01 14.60 -15.13
C ARG B 122 12.03 14.60 -15.13
N PRO B 123 11.13 14.90 -16.09
CA PRO B 123 10.00 14.00 -16.36
C PRO B 123 10.38 12.65 -16.97
N GLN B 124 9.59 11.63 -16.66
CA GLN B 124 9.73 10.30 -17.25
C GLN B 124 8.39 9.57 -17.13
N TRP B 125 7.98 8.90 -18.21
CA TRP B 125 6.80 8.06 -18.20
C TRP B 125 7.08 6.73 -17.52
N PHE B 126 6.10 6.22 -16.78
CA PHE B 126 6.16 4.90 -16.20
C PHE B 126 4.89 4.16 -16.49
N ASP B 127 5.03 2.91 -16.93
CA ASP B 127 3.90 2.01 -17.02
C ASP B 127 3.33 1.82 -15.63
N ILE B 128 2.01 1.64 -15.57
CA ILE B 128 1.32 1.55 -14.29
C ILE B 128 1.85 0.40 -13.42
N ASP B 129 2.27 -0.71 -14.03
CA ASP B 129 2.84 -1.81 -13.23
C ASP B 129 4.32 -1.60 -12.90
N LYS B 130 4.90 -0.47 -13.33
CA LYS B 130 6.31 -0.16 -13.04
C LYS B 130 6.55 1.14 -12.24
N ILE B 131 5.51 1.67 -11.59
CA ILE B 131 5.61 2.91 -10.84
C ILE B 131 6.63 2.73 -9.71
N PRO B 132 7.62 3.64 -9.60
CA PRO B 132 8.74 3.41 -8.68
C PRO B 132 8.45 3.85 -7.23
N PHE B 133 7.44 3.23 -6.61
CA PHE B 133 6.93 3.62 -5.29
C PHE B 133 7.99 3.66 -4.20
N SER B 134 9.01 2.80 -4.31
CA SER B 134 10.11 2.80 -3.32
C SER B 134 10.98 4.07 -3.34
N GLN B 135 10.90 4.84 -4.43
CA GLN B 135 11.59 6.13 -4.50
C GLN B 135 10.62 7.29 -4.73
N MET B 136 9.48 7.20 -4.06
CA MET B 136 8.43 8.21 -4.08
C MET B 136 8.10 8.50 -2.62
N TRP B 137 7.32 9.53 -2.37
CA TRP B 137 6.85 9.74 -1.00
C TRP B 137 6.11 8.48 -0.53
N ALA B 138 6.26 8.15 0.73
CA ALA B 138 5.75 6.86 1.26
C ALA B 138 4.26 6.70 1.09
N ASP B 139 3.53 7.81 1.07
CA ASP B 139 2.06 7.78 0.93
C ASP B 139 1.53 7.36 -0.42
N ASP B 140 2.32 7.56 -1.48
CA ASP B 140 1.79 7.44 -2.85
C ASP B 140 1.22 6.05 -3.13
N ILE B 141 1.92 5.03 -2.66
CA ILE B 141 1.51 3.65 -2.89
C ILE B 141 0.09 3.38 -2.36
N LEU B 142 -0.29 4.06 -1.29
CA LEU B 142 -1.60 3.86 -0.67
C LEU B 142 -2.75 4.57 -1.37
N TRP B 143 -2.52 5.79 -1.87
CA TRP B 143 -3.61 6.52 -2.56
C TRP B 143 -3.61 6.44 -4.07
N PHE B 144 -2.52 5.98 -4.68
CA PHE B 144 -2.46 5.86 -6.15
C PHE B 144 -3.60 5.05 -6.77
N PRO B 145 -3.99 3.92 -6.15
CA PRO B 145 -5.08 3.15 -6.73
C PRO B 145 -6.40 3.91 -6.84
N LEU B 146 -6.73 4.75 -5.86
CA LEU B 146 -7.95 5.56 -5.93
C LEU B 146 -7.86 6.60 -7.07
N MET B 147 -6.70 7.23 -7.19
CA MET B 147 -6.45 8.17 -8.27
C MET B 147 -6.58 7.51 -9.65
N LEU B 148 -5.96 6.35 -9.82
CA LEU B 148 -5.98 5.64 -11.09
C LEU B 148 -7.37 5.17 -11.49
N GLN B 149 -8.21 4.85 -10.50
CA GLN B 149 -9.61 4.45 -10.74
C GLN B 149 -10.60 5.62 -10.77
N LYS B 150 -10.10 6.86 -10.73
CA LYS B 150 -10.94 8.06 -10.73
C LYS B 150 -11.98 8.08 -9.57
N LYS B 151 -11.57 7.61 -8.40
CA LYS B 151 -12.41 7.66 -7.20
C LYS B 151 -11.95 8.80 -6.28
N ARG B 152 -12.72 9.88 -6.26
CA ARG B 152 -12.31 11.07 -5.52
C ARG B 152 -12.23 10.78 -4.03
N PHE B 153 -11.14 11.23 -3.41
CA PHE B 153 -10.82 10.85 -2.03
C PHE B 153 -10.39 12.00 -1.10
N LEU B 154 -10.36 11.66 0.17
CA LEU B 154 -9.95 12.53 1.26
C LEU B 154 -9.15 11.69 2.26
N GLY B 155 -8.00 12.19 2.69
CA GLY B 155 -7.19 11.51 3.69
C GLY B 155 -6.51 12.39 4.72
N TYR B 156 -5.93 11.71 5.70
CA TYR B 156 -5.11 12.32 6.72
C TYR B 156 -3.98 11.34 7.01
N PHE B 157 -2.73 11.83 6.95
CA PHE B 157 -1.54 11.03 7.21
C PHE B 157 -0.68 11.70 8.28
N LYS B 158 -0.19 10.91 9.22
CA LYS B 158 0.79 11.39 10.21
C LYS B 158 2.12 10.69 9.96
N PHE B 159 3.17 11.51 9.79
CA PHE B 159 4.52 11.05 9.49
C PHE B 159 5.46 11.24 10.66
N GLN B 160 6.41 10.33 10.78
CA GLN B 160 7.49 10.42 11.74
C GLN B 160 8.74 10.62 10.89
N GLY B 161 9.24 11.85 10.83
CA GLY B 161 10.25 12.20 9.83
C GLY B 161 9.67 12.09 8.43
N HIS B 162 10.54 11.95 7.43
CA HIS B 162 10.10 11.94 6.03
C HIS B 162 9.74 10.57 5.48
N ASP B 163 10.19 9.51 6.14
CA ASP B 163 10.11 8.20 5.55
C ASP B 163 9.25 7.19 6.30
N VAL B 164 8.65 7.57 7.43
CA VAL B 164 7.85 6.64 8.24
C VAL B 164 6.41 7.17 8.41
N ILE B 165 5.44 6.36 8.00
CA ILE B 165 4.03 6.66 8.23
C ILE B 165 3.60 6.05 9.55
N VAL B 166 3.14 6.91 10.45
CA VAL B 166 2.64 6.45 11.76
C VAL B 166 1.14 6.16 11.69
N GLU B 167 0.40 6.94 10.91
CA GLU B 167 -1.03 6.73 10.71
C GLU B 167 -1.42 7.16 9.31
N HIS B 168 -2.25 6.35 8.66
CA HIS B 168 -2.81 6.69 7.36
C HIS B 168 -4.31 6.39 7.31
N LYS B 169 -5.08 7.39 6.86
CA LYS B 169 -6.52 7.29 6.73
C LYS B 169 -6.95 7.83 5.38
N LEU B 170 -7.80 7.05 4.68
CA LEU B 170 -8.27 7.38 3.34
C LEU B 170 -9.71 6.92 3.18
N ASP B 171 -10.52 7.80 2.58
CA ASP B 171 -11.92 7.49 2.24
C ASP B 171 -12.26 8.07 0.89
N GLU B 172 -13.09 7.36 0.15
CA GLU B 172 -13.76 7.92 -1.01
C GLU B 172 -14.79 8.91 -0.48
N VAL B 173 -14.84 10.10 -1.07
CA VAL B 173 -15.77 11.14 -0.57
C VAL B 173 -17.24 10.71 -0.68
N GLU B 174 -17.53 9.82 -1.61
CA GLU B 174 -18.86 9.20 -1.76
C GLU B 174 -19.35 8.49 -0.46
N ASP B 175 -18.41 8.07 0.40
CA ASP B 175 -18.74 7.36 1.65
C ASP B 175 -18.86 8.29 2.86
N LEU B 176 -18.76 9.61 2.66
CA LEU B 176 -18.75 10.59 3.75
C LEU B 176 -19.98 11.50 3.79
C13 2GE C . 2.00 -11.39 10.76
C17 2GE C . 3.78 -7.98 12.29
N01 2GE C . -0.59 -10.83 7.71
C02 2GE C . 0.26 -11.00 8.71
N03 2GE C . 0.23 -12.17 9.40
C04 2GE C . 1.10 -12.38 10.42
C05 2GE C . 1.03 -13.65 11.08
C06 2GE C . 1.05 -14.81 10.29
C07 2GE C . 0.97 -16.08 10.86
C08 2GE C . 0.86 -16.23 12.23
C09 2GE C . 0.85 -15.10 13.03
CL1 2GE C . 0.70 -15.27 14.78
C11 2GE C . 0.94 -13.80 12.47
CL2 2GE C . 0.91 -12.46 13.51
C14 2GE C . 2.00 -10.17 10.03
N15 2GE C . 2.84 -9.15 10.32
C16 2GE C . 3.86 -9.17 11.41
C18 2GE C . 3.47 -9.31 12.77
N19 2GE C . 1.13 -10.01 9.02
S SO4 D . -2.87 -16.65 12.68
O1 SO4 D . -4.22 -17.27 12.71
O2 SO4 D . -2.77 -15.50 13.60
O3 SO4 D . -1.94 -17.70 13.14
O4 SO4 D . -2.56 -16.27 11.28
S SO4 E . 9.43 -24.08 -2.98
O1 SO4 E . 9.58 -23.09 -1.89
O2 SO4 E . 9.02 -25.38 -2.43
O3 SO4 E . 10.71 -24.25 -3.70
O4 SO4 E . 8.42 -23.65 -3.97
S SO4 F . -5.95 -26.12 -7.26
O1 SO4 F . -5.86 -26.73 -5.91
O2 SO4 F . -7.06 -25.14 -7.26
O3 SO4 F . -6.22 -27.19 -8.24
O4 SO4 F . -4.70 -25.42 -7.62
C1 GOL G . -14.35 -24.38 -4.94
O1 GOL G . -13.14 -24.96 -4.43
C2 GOL G . -15.42 -24.38 -3.85
O2 GOL G . -16.52 -23.55 -4.25
C3 GOL G . -15.92 -25.80 -3.59
O3 GOL G . -16.33 -25.91 -2.23
C1 PEG H . -0.32 -33.69 6.26
O1 PEG H . 0.42 -34.81 5.79
C2 PEG H . -0.90 -32.96 5.06
O2 PEG H . 0.15 -32.21 4.43
C3 PEG H . 0.47 -32.58 3.08
C4 PEG H . 1.89 -32.14 2.72
O4 PEG H . 1.93 -30.74 2.42
C13 2GE I . 3.82 15.33 -0.35
C17 2GE I . 4.86 13.81 3.38
N01 2GE I . 3.00 12.62 -3.25
C02 2GE I . 3.26 13.52 -2.30
N03 2GE I . 3.47 14.81 -2.63
C04 2GE I . 3.74 15.73 -1.68
C05 2GE I . 3.90 17.06 -2.13
C06 2GE I . 2.94 17.57 -3.00
C07 2GE I . 3.05 18.87 -3.51
C08 2GE I . 4.12 19.68 -3.17
C09 2GE I . 5.08 19.17 -2.31
CL1 2GE I . 6.44 20.17 -1.87
C11 2GE I . 4.98 17.87 -1.80
CL2 2GE I . 6.22 17.32 -0.73
C14 2GE I . 3.60 13.98 -0.02
N15 2GE I . 3.66 13.50 1.23
C16 2GE I . 3.93 14.33 2.42
C18 2GE I . 5.25 14.87 2.57
N19 2GE I . 3.33 13.12 -1.01
S SO4 J . 6.51 19.28 -6.08
O1 SO4 J . 5.44 18.29 -6.36
O2 SO4 J . 5.96 20.56 -5.60
O3 SO4 J . 7.45 18.75 -5.07
O4 SO4 J . 7.20 19.60 -7.35
S SO4 K . -14.83 21.14 -5.86
O1 SO4 K . -15.93 21.58 -4.97
O2 SO4 K . -15.29 19.91 -6.54
O3 SO4 K . -13.60 20.90 -5.06
O4 SO4 K . -14.58 22.19 -6.86
C ACT L . 3.02 2.09 5.29
O ACT L . 2.42 1.72 6.35
OXT ACT L . 4.14 2.64 5.26
CH3 ACT L . 2.37 1.89 3.96
#